data_9S6I
#
_entry.id   9S6I
#
loop_
_entity.id
_entity.type
_entity.pdbx_description
1 polymer "DNA (5'-D(*TP*CP*CP*(CFZ)P*(CFZ)P*C)-3')"
2 polymer "DNA (5'-D(*TP*(DNR)P*(DNR)P*(CFZ)P*(CFZ)P*(DNR))-3')"
#
loop_
_entity_poly.entity_id
_entity_poly.type
_entity_poly.pdbx_seq_one_letter_code
_entity_poly.pdbx_strand_id
1 'polydeoxyribonucleotide' (DT)(DC)(DC)(CFZ)(CFZ)(DC) A,B
2 'polydeoxyribonucleotide' (DT)(DNR)(DNR)(CFZ)(CFZ)(DNR) C,D
#